data_3RS8
#
_entry.id   3RS8
#
_cell.length_a   122.393
_cell.length_b   122.393
_cell.length_c   155.710
_cell.angle_alpha   90.000
_cell.angle_beta   90.000
_cell.angle_gamma   90.000
#
_symmetry.space_group_name_H-M   'I 4 2 2'
#
loop_
_entity.id
_entity.type
_entity.pdbx_description
1 polymer 'Putative uncharacterized protein'
2 polymer 'Unknown peptide, probably from expression host'
3 non-polymer 'POTASSIUM ION'
4 non-polymer 'MAGNESIUM ION'
5 non-polymer ADENOSINE-5-DIPHOSPHORIBOSE
6 non-polymer GLYCEROL
7 water water
#
loop_
_entity_poly.entity_id
_entity_poly.type
_entity_poly.pdbx_seq_one_letter_code
_entity_poly.pdbx_strand_id
1 'polypeptide(L)'
;MGSDKIHHHHHHMKEIDELTIKEYGVDSRILMERAGISVVLAMEEELGNLSDYRFLVLCGGGNNGGDGFVVARNLLGVVK
DVLVVFLGKKKTPDCEYNYGLYKKFGGKVVEQFEPSILNEFDVVVDAIFGTGLRGEITGEYAEIINLVNKSGKVVVSVDV
PSGIDSNTGKVLRTAVKADLTVTFGVPKIGHILFPGRDLTGKLKVANIGHPVHLINSINRYVITREMVRSLLPERPRDSH
KGTYGKVLIIAGSRLYSGAPVLSGMGSLKVGTGLVKLAVPFPQNLIATSRFPELISVPIDTEKGFFSLQNLQECLELSKD
VDVVAIGPGLGNNEHVREFVNEFLKTLEKPAVIDADAINVLDTSVLKERKSPAVLTPHPGEMARLVKKTVGDVKYNYELA
EEFAKENDCVLVLKSATTIVTDGEKTLFNITGNTGLSKGGSGDVLTGMIAGFIAQGLSPLEASTVSVYLHGFAAELFEQD
ERGLTASELLRLIPEAIRRLKE
;
A
2 'polypeptide(L)' AWLFEA B
#
loop_
_chem_comp.id
_chem_comp.type
_chem_comp.name
_chem_comp.formula
APR non-polymer ADENOSINE-5-DIPHOSPHORIBOSE 'C15 H23 N5 O14 P2'
GOL non-polymer GLYCEROL 'C3 H8 O3'
K non-polymer 'POTASSIUM ION' 'K 1'
MG non-polymer 'MAGNESIUM ION' 'Mg 2'
#
# COMPACT_ATOMS: atom_id res chain seq x y z
N HIS A 12 -0.33 -16.99 5.76
CA HIS A 12 -1.46 -16.47 6.57
C HIS A 12 -1.23 -16.58 8.06
N MET A 13 -1.93 -15.74 8.81
CA MET A 13 -2.05 -15.92 10.26
C MET A 13 -2.61 -17.29 10.64
N LYS A 14 -3.43 -17.89 9.77
CA LYS A 14 -4.04 -19.18 10.09
C LYS A 14 -2.96 -20.23 10.39
N GLU A 15 -1.93 -20.30 9.53
CA GLU A 15 -0.79 -21.19 9.76
C GLU A 15 -0.10 -20.82 11.05
N ILE A 16 -0.07 -19.52 11.33
CA ILE A 16 0.69 -18.99 12.46
C ILE A 16 0.02 -19.32 13.77
N ASP A 17 -1.29 -19.13 13.84
CA ASP A 17 -2.04 -19.64 14.96
C ASP A 17 -1.88 -21.16 15.14
N GLU A 18 -1.99 -21.91 14.04
CA GLU A 18 -1.96 -23.38 14.15
C GLU A 18 -0.66 -23.86 14.72
N LEU A 19 0.42 -23.25 14.22
CA LEU A 19 1.75 -23.69 14.61
C LEU A 19 2.01 -23.32 16.09
N THR A 20 1.51 -22.15 16.50
CA THR A 20 1.70 -21.66 17.86
C THR A 20 0.95 -22.59 18.85
N ILE A 21 -0.26 -23.00 18.50
CA ILE A 21 -0.98 -23.97 19.34
C ILE A 21 -0.33 -25.37 19.25
N LYS A 22 -0.21 -25.88 18.03
CA LYS A 22 0.13 -27.28 17.86
C LYS A 22 1.61 -27.62 17.99
N GLU A 23 2.52 -26.73 17.59
CA GLU A 23 3.96 -27.09 17.71
C GLU A 23 4.57 -26.47 18.96
N TYR A 24 4.23 -25.21 19.21
CA TYR A 24 4.80 -24.47 20.33
C TYR A 24 4.03 -24.83 21.61
N GLY A 25 2.77 -25.20 21.49
CA GLY A 25 2.03 -25.68 22.67
C GLY A 25 1.33 -24.62 23.48
N VAL A 26 1.14 -23.45 22.89
CA VAL A 26 0.32 -22.44 23.53
C VAL A 26 -1.15 -22.85 23.44
N ASP A 27 -1.83 -22.93 24.55
CA ASP A 27 -3.24 -23.25 24.60
C ASP A 27 -4.02 -22.23 23.76
N SER A 28 -4.96 -22.74 22.94
CA SER A 28 -5.75 -21.87 22.10
C SER A 28 -6.52 -20.82 22.96
N ARG A 29 -6.91 -21.22 24.16
CA ARG A 29 -7.61 -20.33 25.06
C ARG A 29 -6.77 -19.15 25.53
N ILE A 30 -5.47 -19.37 25.68
CA ILE A 30 -4.53 -18.30 26.09
C ILE A 30 -4.45 -17.23 24.97
N LEU A 31 -4.33 -17.67 23.70
CA LEU A 31 -4.38 -16.77 22.55
C LEU A 31 -5.67 -15.96 22.49
N MET A 32 -6.80 -16.61 22.73
CA MET A 32 -8.07 -15.93 22.73
C MET A 32 -8.17 -14.89 23.92
N GLU A 33 -7.67 -15.24 25.09
CA GLU A 33 -7.63 -14.30 26.21
C GLU A 33 -6.79 -13.07 25.89
N ARG A 34 -5.58 -13.31 25.40
CA ARG A 34 -4.70 -12.22 24.98
C ARG A 34 -5.33 -11.35 23.88
N ALA A 35 -6.06 -11.97 22.93
CA ALA A 35 -6.73 -11.23 21.87
C ALA A 35 -7.74 -10.26 22.46
N GLY A 36 -8.65 -10.78 23.28
CA GLY A 36 -9.70 -9.94 23.85
C GLY A 36 -9.18 -8.81 24.73
N ILE A 37 -8.17 -9.10 25.55
CA ILE A 37 -7.65 -8.05 26.41
C ILE A 37 -6.96 -6.97 25.60
N SER A 38 -6.32 -7.33 24.49
CA SER A 38 -5.69 -6.33 23.62
C SER A 38 -6.76 -5.35 23.13
N VAL A 39 -7.94 -5.88 22.85
CA VAL A 39 -9.05 -5.04 22.36
C VAL A 39 -9.48 -4.04 23.44
N VAL A 40 -9.56 -4.50 24.67
CA VAL A 40 -9.90 -3.65 25.78
C VAL A 40 -8.86 -2.55 25.94
N LEU A 41 -7.57 -2.92 25.96
CA LEU A 41 -6.48 -1.91 26.13
C LEU A 41 -6.44 -0.88 25.02
N ALA A 42 -6.73 -1.35 23.80
CA ALA A 42 -6.72 -0.51 22.62
C ALA A 42 -7.87 0.51 22.71
N MET A 43 -9.04 0.04 23.17
CA MET A 43 -10.18 0.94 23.29
C MET A 43 -9.92 1.98 24.36
N GLU A 44 -9.25 1.57 25.43
CA GLU A 44 -8.93 2.52 26.50
C GLU A 44 -8.01 3.67 26.02
N GLU A 45 -6.95 3.29 25.32
CA GLU A 45 -6.01 4.18 24.64
C GLU A 45 -6.70 5.14 23.68
N GLU A 46 -7.74 4.69 22.97
CA GLU A 46 -8.51 5.57 22.09
C GLU A 46 -9.60 6.37 22.79
N LEU A 47 -10.34 5.78 23.72
CA LEU A 47 -11.48 6.44 24.31
C LEU A 47 -11.18 7.12 25.63
N GLY A 48 -10.03 6.84 26.23
CA GLY A 48 -9.72 7.30 27.56
C GLY A 48 -10.37 6.32 28.51
N ASN A 49 -10.63 6.74 29.72
CA ASN A 49 -11.32 5.91 30.69
C ASN A 49 -12.62 5.26 30.18
N LEU A 50 -12.74 3.94 30.33
CA LEU A 50 -13.88 3.23 29.80
C LEU A 50 -15.11 3.24 30.72
N SER A 51 -14.97 3.72 31.94
CA SER A 51 -15.95 3.39 32.93
C SER A 51 -17.28 4.09 32.66
N ASP A 52 -17.23 5.20 31.92
CA ASP A 52 -18.40 5.97 31.58
C ASP A 52 -19.22 5.47 30.38
N TYR A 53 -18.72 4.46 29.66
CA TYR A 53 -19.31 4.05 28.40
C TYR A 53 -20.20 2.79 28.52
N ARG A 54 -21.20 2.67 27.65
CA ARG A 54 -22.00 1.47 27.59
C ARG A 54 -21.61 0.74 26.31
N PHE A 55 -21.31 -0.55 26.42
CA PHE A 55 -20.82 -1.38 25.32
C PHE A 55 -21.80 -2.46 24.82
N LEU A 56 -22.01 -2.47 23.50
CA LEU A 56 -22.80 -3.48 22.84
C LEU A 56 -21.83 -4.34 22.04
N VAL A 57 -21.73 -5.62 22.40
CA VAL A 57 -20.76 -6.52 21.76
C VAL A 57 -21.53 -7.52 20.90
N LEU A 58 -21.20 -7.55 19.62
CA LEU A 58 -21.91 -8.38 18.66
C LEU A 58 -21.00 -9.56 18.37
N CYS A 59 -21.43 -10.75 18.76
CA CYS A 59 -20.59 -11.92 18.68
C CYS A 59 -21.16 -12.95 17.71
N GLY A 60 -20.32 -13.39 16.77
CA GLY A 60 -20.68 -14.55 15.92
C GLY A 60 -20.35 -15.81 16.71
N GLY A 61 -20.64 -16.96 16.09
CA GLY A 61 -20.37 -18.26 16.66
C GLY A 61 -18.98 -18.80 16.46
N GLY A 62 -18.12 -18.05 15.77
CA GLY A 62 -16.73 -18.46 15.57
C GLY A 62 -15.76 -17.94 16.59
N ASN A 63 -14.48 -18.05 16.27
CA ASN A 63 -13.46 -17.54 17.17
C ASN A 63 -13.35 -16.04 17.20
N ASN A 64 -13.87 -15.36 16.19
CA ASN A 64 -13.96 -13.93 16.26
C ASN A 64 -14.90 -13.62 17.41
N GLY A 65 -16.04 -14.28 17.38
CA GLY A 65 -17.03 -14.06 18.45
C GLY A 65 -16.51 -14.46 19.82
N GLY A 66 -15.69 -15.50 19.84
CA GLY A 66 -15.09 -15.94 21.10
C GLY A 66 -14.20 -14.81 21.62
N ASP A 67 -13.46 -14.17 20.71
CA ASP A 67 -12.63 -13.02 21.12
C ASP A 67 -13.54 -11.94 21.72
N GLY A 68 -14.70 -11.77 21.11
CA GLY A 68 -15.71 -10.81 21.58
C GLY A 68 -16.24 -11.12 22.99
N PHE A 69 -16.50 -12.40 23.29
CA PHE A 69 -16.88 -12.81 24.64
C PHE A 69 -15.83 -12.47 25.71
N VAL A 70 -14.56 -12.59 25.36
CA VAL A 70 -13.50 -12.20 26.27
C VAL A 70 -13.53 -10.69 26.51
N VAL A 71 -13.76 -9.91 25.45
CA VAL A 71 -13.87 -8.47 25.59
C VAL A 71 -15.01 -8.15 26.56
N ALA A 72 -16.15 -8.75 26.29
CA ALA A 72 -17.33 -8.49 27.07
C ALA A 72 -17.09 -8.87 28.51
N ARG A 73 -16.56 -10.06 28.73
CA ARG A 73 -16.34 -10.50 30.10
C ARG A 73 -15.41 -9.54 30.85
N ASN A 74 -14.34 -9.14 30.22
CA ASN A 74 -13.38 -8.18 30.83
C ASN A 74 -13.89 -6.75 31.04
N LEU A 75 -14.99 -6.35 30.39
CA LEU A 75 -15.63 -5.07 30.71
C LEU A 75 -16.61 -5.16 31.90
N LEU A 76 -17.01 -6.39 32.28
CA LEU A 76 -18.01 -6.57 33.31
C LEU A 76 -17.56 -5.96 34.64
N GLY A 77 -18.46 -5.21 35.24
CA GLY A 77 -18.20 -4.60 36.51
C GLY A 77 -17.32 -3.36 36.45
N VAL A 78 -16.78 -3.06 35.29
CA VAL A 78 -15.84 -1.97 35.16
C VAL A 78 -16.36 -0.83 34.30
N VAL A 79 -17.46 -1.03 33.57
CA VAL A 79 -18.00 -0.01 32.67
C VAL A 79 -19.47 0.19 33.01
N LYS A 80 -20.14 1.15 32.39
CA LYS A 80 -21.49 1.42 32.76
C LYS A 80 -22.46 0.30 32.42
N ASP A 81 -22.32 -0.33 31.26
CA ASP A 81 -23.20 -1.43 30.90
C ASP A 81 -22.51 -2.22 29.77
N VAL A 82 -22.70 -3.54 29.79
CA VAL A 82 -22.28 -4.44 28.71
C VAL A 82 -23.42 -5.35 28.33
N LEU A 83 -23.71 -5.48 27.04
CA LEU A 83 -24.67 -6.47 26.55
C LEU A 83 -24.03 -7.19 25.38
N VAL A 84 -24.17 -8.52 25.33
CA VAL A 84 -23.74 -9.26 24.15
C VAL A 84 -24.99 -9.63 23.34
N VAL A 85 -24.96 -9.33 22.04
CA VAL A 85 -25.89 -9.95 21.10
C VAL A 85 -25.19 -11.09 20.39
N PHE A 86 -25.64 -12.31 20.64
CA PHE A 86 -25.06 -13.49 20.04
C PHE A 86 -25.87 -13.80 18.80
N LEU A 87 -25.20 -13.75 17.66
CA LEU A 87 -25.87 -13.82 16.37
C LEU A 87 -25.65 -15.14 15.71
N GLY A 88 -24.73 -15.95 16.21
CA GLY A 88 -24.46 -17.24 15.61
C GLY A 88 -25.52 -18.29 15.88
N LYS A 89 -25.31 -19.48 15.31
CA LYS A 89 -26.04 -20.65 15.71
C LYS A 89 -25.12 -21.47 16.61
N LYS A 90 -24.19 -22.22 16.03
CA LYS A 90 -23.29 -23.06 16.83
C LYS A 90 -22.07 -22.21 17.30
N LYS A 91 -21.31 -22.75 18.25
CA LYS A 91 -20.15 -22.07 18.77
C LYS A 91 -18.95 -22.99 18.63
N THR A 92 -17.82 -22.48 18.18
CA THR A 92 -16.60 -23.26 18.24
C THR A 92 -16.29 -23.49 19.74
N PRO A 93 -15.42 -24.46 20.06
CA PRO A 93 -15.07 -24.78 21.48
C PRO A 93 -14.61 -23.57 22.26
N ASP A 94 -13.74 -22.77 21.68
CA ASP A 94 -13.24 -21.61 22.43
C ASP A 94 -14.29 -20.55 22.56
N CYS A 95 -15.17 -20.38 21.55
CA CYS A 95 -16.25 -19.44 21.73
C CYS A 95 -17.20 -19.92 22.85
N GLU A 96 -17.48 -21.22 22.85
CA GLU A 96 -18.36 -21.84 23.82
C GLU A 96 -17.81 -21.61 25.24
N TYR A 97 -16.51 -21.83 25.39
CA TYR A 97 -15.83 -21.68 26.66
C TYR A 97 -15.93 -20.27 27.17
N ASN A 98 -15.69 -19.27 26.29
CA ASN A 98 -15.72 -17.88 26.70
C ASN A 98 -17.10 -17.26 26.93
N TYR A 99 -18.08 -17.81 26.20
CA TYR A 99 -19.50 -17.57 26.42
C TYR A 99 -19.85 -18.03 27.82
N GLY A 100 -19.46 -19.27 28.15
CA GLY A 100 -19.64 -19.86 29.50
C GLY A 100 -19.05 -18.96 30.58
N LEU A 101 -17.85 -18.45 30.34
CA LEU A 101 -17.22 -17.54 31.33
C LEU A 101 -17.99 -16.23 31.51
N TYR A 102 -18.37 -15.64 30.39
CA TYR A 102 -19.11 -14.38 30.36
C TYR A 102 -20.36 -14.57 31.20
N LYS A 103 -21.09 -15.66 30.97
CA LYS A 103 -22.30 -15.90 31.75
C LYS A 103 -22.03 -16.22 33.23
N LYS A 104 -21.00 -17.01 33.54
CA LYS A 104 -20.66 -17.28 34.97
C LYS A 104 -20.23 -15.95 35.64
N PHE A 105 -19.61 -15.05 34.85
CA PHE A 105 -19.22 -13.76 35.43
C PHE A 105 -20.39 -12.80 35.65
N GLY A 106 -21.60 -13.17 35.24
CA GLY A 106 -22.81 -12.34 35.42
C GLY A 106 -23.25 -11.58 34.17
N GLY A 107 -22.73 -11.94 33.00
CA GLY A 107 -22.97 -11.15 31.79
C GLY A 107 -24.32 -11.45 31.16
N LYS A 108 -24.89 -10.49 30.42
CA LYS A 108 -26.21 -10.70 29.80
C LYS A 108 -25.97 -10.91 28.31
N VAL A 109 -26.56 -11.97 27.79
CA VAL A 109 -26.61 -12.24 26.37
C VAL A 109 -28.02 -12.22 25.90
N VAL A 110 -28.24 -11.72 24.69
CA VAL A 110 -29.53 -11.92 24.03
C VAL A 110 -29.20 -12.48 22.66
N GLU A 111 -30.16 -13.18 22.05
CA GLU A 111 -29.96 -13.72 20.71
C GLU A 111 -30.84 -13.05 19.70
N GLN A 112 -31.63 -12.08 20.12
CA GLN A 112 -32.47 -11.32 19.22
C GLN A 112 -32.04 -9.86 19.26
N PHE A 113 -32.00 -9.26 18.09
CA PHE A 113 -31.51 -7.91 17.87
C PHE A 113 -32.72 -7.08 17.49
N GLU A 114 -33.00 -6.02 18.24
CA GLU A 114 -34.07 -5.09 17.88
C GLU A 114 -33.45 -3.79 17.37
N PRO A 115 -33.99 -3.24 16.26
CA PRO A 115 -33.43 -2.02 15.68
C PRO A 115 -33.08 -0.94 16.71
N SER A 116 -33.92 -0.77 17.73
CA SER A 116 -33.72 0.25 18.75
C SER A 116 -32.65 -0.04 19.81
N ILE A 117 -32.00 -1.20 19.79
CA ILE A 117 -31.06 -1.46 20.88
C ILE A 117 -29.80 -0.59 20.78
N LEU A 118 -29.37 -0.22 19.57
CA LEU A 118 -28.26 0.72 19.43
C LEU A 118 -28.45 1.98 20.28
N ASN A 119 -29.68 2.42 20.46
CA ASN A 119 -30.03 3.60 21.27
C ASN A 119 -29.40 3.71 22.64
N GLU A 120 -29.23 2.58 23.29
CA GLU A 120 -28.90 2.59 24.70
C GLU A 120 -27.43 2.29 24.94
N PHE A 121 -26.62 2.40 23.89
CA PHE A 121 -25.19 2.06 23.95
C PHE A 121 -24.36 3.13 23.27
N ASP A 122 -23.10 3.20 23.64
CA ASP A 122 -22.21 4.22 23.13
C ASP A 122 -21.20 3.60 22.19
N VAL A 123 -20.80 2.36 22.48
CA VAL A 123 -19.77 1.69 21.69
C VAL A 123 -20.27 0.34 21.27
N VAL A 124 -20.07 0.03 19.97
CA VAL A 124 -20.31 -1.27 19.39
C VAL A 124 -18.97 -1.97 19.18
N VAL A 125 -18.86 -3.17 19.73
CA VAL A 125 -17.71 -4.01 19.51
C VAL A 125 -18.18 -5.01 18.48
N ASP A 126 -17.51 -5.05 17.33
CA ASP A 126 -17.91 -5.87 16.19
C ASP A 126 -17.04 -7.14 16.18
N ALA A 127 -17.59 -8.23 16.70
CA ALA A 127 -16.92 -9.52 16.78
C ALA A 127 -17.77 -10.54 16.04
N ILE A 128 -18.39 -10.11 14.95
CA ILE A 128 -19.27 -11.03 14.19
C ILE A 128 -18.45 -12.02 13.35
N PHE A 129 -17.70 -11.49 12.39
CA PHE A 129 -16.84 -12.29 11.51
C PHE A 129 -15.43 -11.72 11.44
N GLY A 130 -14.44 -12.59 11.48
CA GLY A 130 -13.06 -12.19 11.24
C GLY A 130 -12.55 -12.82 9.95
N THR A 131 -11.44 -13.55 10.06
CA THR A 131 -10.82 -14.20 8.91
C THR A 131 -11.62 -15.41 8.42
N GLY A 132 -12.63 -15.80 9.17
CA GLY A 132 -13.46 -16.95 8.83
C GLY A 132 -14.61 -16.62 7.91
N LEU A 133 -14.83 -15.33 7.62
CA LEU A 133 -15.85 -14.93 6.65
C LEU A 133 -15.75 -15.73 5.35
N ARG A 134 -16.85 -16.36 4.92
CA ARG A 134 -16.89 -17.01 3.61
C ARG A 134 -18.19 -16.60 2.90
N GLY A 135 -18.05 -16.01 1.73
CA GLY A 135 -19.19 -15.65 0.92
C GLY A 135 -19.87 -14.40 1.42
N GLU A 136 -20.87 -13.97 0.64
CA GLU A 136 -21.63 -12.74 0.90
C GLU A 136 -22.36 -12.77 2.24
N ILE A 137 -22.39 -11.64 2.93
CA ILE A 137 -23.18 -11.49 4.14
C ILE A 137 -24.62 -11.08 3.79
N THR A 138 -25.58 -11.89 4.22
CA THR A 138 -27.02 -11.62 4.03
C THR A 138 -27.84 -11.83 5.31
N GLY A 139 -29.15 -11.63 5.21
CA GLY A 139 -30.06 -11.95 6.29
C GLY A 139 -29.87 -11.00 7.46
N GLU A 140 -30.17 -11.48 8.66
CA GLU A 140 -30.02 -10.68 9.87
C GLU A 140 -28.60 -10.16 10.05
N TYR A 141 -27.61 -10.93 9.61
CA TYR A 141 -26.23 -10.46 9.72
C TYR A 141 -26.10 -9.12 8.99
N ALA A 142 -26.52 -9.11 7.73
CA ALA A 142 -26.53 -7.91 6.91
C ALA A 142 -27.31 -6.77 7.58
N GLU A 143 -28.49 -7.06 8.14
CA GLU A 143 -29.33 -6.00 8.68
C GLU A 143 -28.74 -5.38 9.91
N ILE A 144 -28.09 -6.20 10.72
CA ILE A 144 -27.45 -5.68 11.89
C ILE A 144 -26.24 -4.80 11.48
N ILE A 145 -25.43 -5.28 10.53
CA ILE A 145 -24.27 -4.50 10.10
C ILE A 145 -24.77 -3.16 9.55
N ASN A 146 -25.86 -3.17 8.79
CA ASN A 146 -26.42 -1.94 8.20
C ASN A 146 -26.95 -0.96 9.24
N LEU A 147 -27.59 -1.50 10.28
CA LEU A 147 -27.97 -0.69 11.43
C LEU A 147 -26.81 -0.12 12.20
N VAL A 148 -25.78 -0.91 12.51
CA VAL A 148 -24.58 -0.37 13.11
C VAL A 148 -24.03 0.80 12.29
N ASN A 149 -23.89 0.60 10.97
CA ASN A 149 -23.35 1.67 10.12
C ASN A 149 -24.21 2.92 10.08
N LYS A 150 -25.50 2.81 10.33
CA LYS A 150 -26.34 4.01 10.38
C LYS A 150 -26.42 4.65 11.77
N SER A 151 -25.77 4.07 12.78
CA SER A 151 -26.09 4.39 14.17
C SER A 151 -25.37 5.62 14.67
N GLY A 152 -24.21 5.92 14.09
CA GLY A 152 -23.38 7.02 14.54
C GLY A 152 -22.62 6.70 15.84
N LYS A 153 -22.62 5.44 16.25
CA LYS A 153 -21.89 5.05 17.43
C LYS A 153 -20.43 4.80 17.08
N VAL A 154 -19.62 4.76 18.11
CA VAL A 154 -18.21 4.41 17.98
C VAL A 154 -18.13 2.91 17.73
N VAL A 155 -17.43 2.54 16.66
CA VAL A 155 -17.34 1.11 16.28
C VAL A 155 -15.92 0.60 16.36
N VAL A 156 -15.77 -0.49 17.10
CA VAL A 156 -14.49 -1.11 17.28
C VAL A 156 -14.61 -2.52 16.75
N SER A 157 -13.80 -2.84 15.72
CA SER A 157 -13.86 -4.14 15.12
C SER A 157 -12.74 -5.08 15.61
N VAL A 158 -13.14 -6.30 15.88
CA VAL A 158 -12.21 -7.28 16.39
C VAL A 158 -11.61 -7.98 15.16
N ASP A 159 -10.30 -7.85 15.02
CA ASP A 159 -9.48 -8.47 13.94
C ASP A 159 -9.58 -7.84 12.54
N VAL A 160 -10.75 -7.92 11.92
CA VAL A 160 -11.07 -7.23 10.67
C VAL A 160 -12.55 -6.80 10.74
N PRO A 161 -12.90 -5.65 10.19
CA PRO A 161 -14.32 -5.31 10.16
C PRO A 161 -15.14 -6.39 9.48
N SER A 162 -16.24 -6.81 10.10
CA SER A 162 -17.01 -7.94 9.58
C SER A 162 -17.55 -7.61 8.21
N GLY A 163 -17.30 -8.48 7.25
CA GLY A 163 -17.63 -8.22 5.86
C GLY A 163 -16.47 -7.87 4.94
N ILE A 164 -15.32 -7.55 5.50
CA ILE A 164 -14.12 -7.44 4.69
C ILE A 164 -13.45 -8.79 4.53
N ASP A 165 -13.18 -9.19 3.28
CA ASP A 165 -12.35 -10.36 3.02
C ASP A 165 -10.91 -10.03 3.36
N SER A 166 -10.31 -10.76 4.29
CA SER A 166 -9.06 -10.36 4.88
C SER A 166 -7.86 -10.61 3.93
N ASN A 167 -8.07 -11.34 2.84
CA ASN A 167 -7.05 -11.60 1.83
C ASN A 167 -7.06 -10.64 0.67
N THR A 168 -8.15 -9.93 0.45
CA THR A 168 -8.25 -9.07 -0.72
C THR A 168 -8.64 -7.60 -0.39
N GLY A 169 -9.30 -7.34 0.73
CA GLY A 169 -9.83 -6.04 1.04
C GLY A 169 -11.20 -5.72 0.42
N LYS A 170 -11.79 -6.71 -0.24
CA LYS A 170 -13.13 -6.54 -0.82
C LYS A 170 -14.25 -6.70 0.18
N VAL A 171 -15.37 -6.08 -0.12
CA VAL A 171 -16.55 -6.10 0.75
C VAL A 171 -17.43 -7.23 0.25
N LEU A 172 -17.78 -8.15 1.14
CA LEU A 172 -18.65 -9.24 0.75
C LEU A 172 -20.12 -8.86 1.02
N ARG A 173 -20.67 -8.14 0.02
CA ARG A 173 -22.01 -7.53 0.02
C ARG A 173 -22.18 -6.37 1.02
N THR A 174 -21.90 -6.60 2.28
CA THR A 174 -21.89 -5.47 3.20
C THR A 174 -20.85 -5.67 4.27
N ALA A 175 -20.42 -4.57 4.87
CA ALA A 175 -19.36 -4.62 5.85
C ALA A 175 -19.43 -3.48 6.83
N VAL A 176 -18.87 -3.73 7.98
CA VAL A 176 -18.86 -2.80 9.08
C VAL A 176 -17.86 -1.68 8.81
N LYS A 177 -18.27 -0.44 9.03
CA LYS A 177 -17.33 0.66 9.00
C LYS A 177 -16.90 0.96 10.43
N ALA A 178 -15.64 0.69 10.73
CA ALA A 178 -15.05 0.80 12.07
C ALA A 178 -14.31 2.12 12.25
N ASP A 179 -14.36 2.67 13.46
CA ASP A 179 -13.46 3.78 13.89
C ASP A 179 -12.09 3.23 14.27
N LEU A 180 -12.09 2.01 14.79
CA LEU A 180 -10.89 1.38 15.31
C LEU A 180 -10.97 -0.12 15.05
N THR A 181 -9.90 -0.70 14.50
CA THR A 181 -9.78 -2.15 14.30
C THR A 181 -8.54 -2.63 15.04
N VAL A 182 -8.70 -3.67 15.83
CA VAL A 182 -7.59 -4.25 16.51
C VAL A 182 -7.34 -5.60 15.90
N THR A 183 -6.19 -5.77 15.27
CA THR A 183 -5.86 -7.04 14.62
C THR A 183 -4.71 -7.74 15.37
N PHE A 184 -4.56 -9.03 15.16
CA PHE A 184 -3.64 -9.83 16.00
C PHE A 184 -2.39 -10.30 15.23
N GLY A 185 -1.19 -10.02 15.74
CA GLY A 185 0.03 -10.52 15.11
C GLY A 185 0.56 -9.65 14.00
N VAL A 186 -0.16 -9.63 12.88
CA VAL A 186 0.26 -8.91 11.69
C VAL A 186 -0.97 -8.24 11.07
N PRO A 187 -0.79 -7.14 10.32
CA PRO A 187 -1.93 -6.62 9.56
C PRO A 187 -2.32 -7.60 8.47
N LYS A 188 -3.58 -7.64 8.11
CA LYS A 188 -4.01 -8.51 7.04
C LYS A 188 -4.10 -7.67 5.76
N ILE A 189 -4.03 -8.36 4.63
CA ILE A 189 -4.09 -7.65 3.34
C ILE A 189 -5.37 -6.81 3.24
N GLY A 190 -6.45 -7.32 3.84
CA GLY A 190 -7.72 -6.64 3.85
C GLY A 190 -7.80 -5.31 4.57
N HIS A 191 -6.87 -5.05 5.49
CA HIS A 191 -6.72 -3.75 6.12
C HIS A 191 -5.91 -2.78 5.24
N ILE A 192 -5.18 -3.32 4.26
CA ILE A 192 -4.19 -2.55 3.50
C ILE A 192 -4.70 -2.15 2.12
N LEU A 193 -5.53 -3.02 1.51
CA LEU A 193 -6.14 -2.72 0.24
C LEU A 193 -7.53 -2.14 0.43
N PHE A 194 -7.91 -1.26 -0.49
CA PHE A 194 -9.24 -0.63 -0.44
C PHE A 194 -10.19 -1.58 -1.11
N PRO A 195 -11.47 -1.55 -0.75
CA PRO A 195 -12.09 -0.65 0.22
C PRO A 195 -11.82 -0.99 1.70
N GLY A 196 -11.26 -2.15 1.94
CA GLY A 196 -11.01 -2.62 3.29
C GLY A 196 -10.26 -1.65 4.17
N ARG A 197 -9.21 -1.05 3.61
CA ARG A 197 -8.43 -0.03 4.25
C ARG A 197 -9.31 1.11 4.73
N ASP A 198 -10.27 1.49 3.95
CA ASP A 198 -11.15 2.54 4.37
C ASP A 198 -12.02 2.13 5.56
N LEU A 199 -12.55 0.94 5.54
CA LEU A 199 -13.52 0.51 6.55
C LEU A 199 -12.88 0.12 7.90
N THR A 200 -11.56 -0.06 7.89
CA THR A 200 -10.76 -0.42 9.05
C THR A 200 -10.63 0.70 10.03
N GLY A 201 -10.67 1.95 9.55
CA GLY A 201 -10.40 3.08 10.42
C GLY A 201 -8.99 2.99 10.93
N LYS A 202 -8.79 3.37 12.18
CA LYS A 202 -7.46 3.31 12.78
C LYS A 202 -7.12 1.88 13.14
N LEU A 203 -5.94 1.43 12.69
CA LEU A 203 -5.55 0.05 12.88
C LEU A 203 -4.52 -0.05 13.97
N LYS A 204 -4.78 -0.89 14.97
CA LYS A 204 -3.75 -1.30 15.92
C LYS A 204 -3.45 -2.78 15.73
N VAL A 205 -2.16 -3.12 15.70
CA VAL A 205 -1.68 -4.52 15.60
C VAL A 205 -1.18 -4.95 16.97
N ALA A 206 -1.90 -5.91 17.59
CA ALA A 206 -1.59 -6.39 18.91
C ALA A 206 -0.75 -7.65 18.88
N ASN A 207 0.26 -7.68 19.73
CA ASN A 207 1.03 -8.87 20.06
C ASN A 207 0.23 -9.76 21.04
N ILE A 208 -0.22 -10.92 20.61
CA ILE A 208 -0.99 -11.85 21.50
C ILE A 208 -0.23 -13.12 21.81
N GLY A 209 1.05 -13.13 21.50
CA GLY A 209 1.96 -14.13 22.07
C GLY A 209 2.57 -15.11 21.10
N HIS A 210 2.31 -14.92 19.80
CA HIS A 210 3.03 -15.69 18.77
C HIS A 210 4.54 -15.53 18.82
N PRO A 211 5.27 -16.60 18.56
CA PRO A 211 6.73 -16.46 18.54
C PRO A 211 7.14 -15.42 17.48
N VAL A 212 8.10 -14.57 17.81
CA VAL A 212 8.50 -13.51 16.88
C VAL A 212 8.96 -14.07 15.52
N HIS A 213 9.60 -15.21 15.55
CA HIS A 213 10.06 -15.88 14.35
C HIS A 213 8.93 -16.13 13.36
N LEU A 214 7.78 -16.58 13.85
CA LEU A 214 6.65 -16.79 12.94
C LEU A 214 6.06 -15.48 12.41
N ILE A 215 5.96 -14.49 13.28
CA ILE A 215 5.46 -13.19 12.88
C ILE A 215 6.34 -12.59 11.81
N ASN A 216 7.65 -12.80 11.94
CA ASN A 216 8.63 -12.26 10.98
C ASN A 216 8.76 -13.04 9.68
N SER A 217 8.09 -14.18 9.56
CA SER A 217 8.24 -15.00 8.38
C SER A 217 7.21 -14.68 7.27
N ILE A 218 6.29 -13.74 7.49
CA ILE A 218 5.32 -13.31 6.48
C ILE A 218 6.00 -12.59 5.32
N ASN A 219 5.75 -13.02 4.08
CA ASN A 219 6.50 -12.51 2.91
C ASN A 219 5.83 -11.35 2.11
N ARG A 220 4.77 -10.80 2.65
CA ARG A 220 4.16 -9.59 2.13
C ARG A 220 4.12 -8.58 3.28
N TYR A 221 4.61 -7.35 3.05
CA TYR A 221 4.81 -6.38 4.16
C TYR A 221 4.31 -4.98 3.78
N VAL A 222 3.98 -4.23 4.82
CA VAL A 222 3.73 -2.81 4.70
C VAL A 222 5.05 -2.08 4.74
N ILE A 223 5.27 -1.15 3.81
CA ILE A 223 6.50 -0.34 3.83
C ILE A 223 6.44 0.66 5.00
N THR A 224 7.37 0.57 5.92
CA THR A 224 7.34 1.42 7.10
C THR A 224 8.47 2.40 7.07
N ARG A 225 8.38 3.36 7.98
CA ARG A 225 9.33 4.39 8.07
C ARG A 225 10.72 3.82 8.42
N GLU A 226 10.74 2.78 9.25
CA GLU A 226 12.00 2.25 9.71
C GLU A 226 12.66 1.52 8.56
N MET A 227 11.87 0.80 7.81
CA MET A 227 12.41 0.15 6.62
C MET A 227 13.02 1.17 5.62
N VAL A 228 12.33 2.26 5.36
CA VAL A 228 12.80 3.25 4.42
C VAL A 228 14.04 3.94 4.98
N ARG A 229 14.05 4.23 6.30
CA ARG A 229 15.21 4.86 6.90
C ARG A 229 16.44 3.97 6.73
N SER A 230 16.31 2.67 6.95
CA SER A 230 17.49 1.81 6.84
C SER A 230 17.99 1.60 5.41
N LEU A 231 17.15 1.88 4.39
CA LEU A 231 17.55 1.76 2.97
C LEU A 231 18.12 3.05 2.34
N LEU A 232 17.86 4.19 2.95
CA LEU A 232 18.32 5.46 2.39
C LEU A 232 19.82 5.41 2.18
N PRO A 233 20.32 5.73 1.00
CA PRO A 233 21.80 5.57 0.91
C PRO A 233 22.63 6.58 1.69
N GLU A 234 23.85 6.17 1.96
CA GLU A 234 24.80 7.00 2.67
C GLU A 234 25.30 8.20 1.86
N ARG A 235 25.68 9.26 2.57
CA ARG A 235 26.25 10.43 1.92
C ARG A 235 27.61 10.68 2.53
N PRO A 236 28.65 9.96 2.07
CA PRO A 236 29.94 10.19 2.66
C PRO A 236 30.43 11.58 2.34
N ARG A 237 31.09 12.21 3.28
CA ARG A 237 31.50 13.58 3.09
C ARG A 237 32.45 13.79 1.95
N ASP A 238 33.37 12.85 1.73
CA ASP A 238 34.31 12.97 0.61
C ASP A 238 33.68 12.37 -0.60
N SER A 239 32.83 13.13 -1.25
CA SER A 239 32.07 12.64 -2.36
C SER A 239 32.01 13.77 -3.41
N HIS A 240 31.46 13.41 -4.57
CA HIS A 240 31.26 14.34 -5.66
C HIS A 240 30.07 13.78 -6.41
N LYS A 241 29.65 14.51 -7.44
CA LYS A 241 28.43 14.15 -8.07
C LYS A 241 28.40 12.73 -8.62
N GLY A 242 29.52 12.27 -9.16
CA GLY A 242 29.62 10.92 -9.67
C GLY A 242 29.35 9.85 -8.61
N THR A 243 29.73 10.12 -7.36
CA THR A 243 29.34 9.26 -6.24
C THR A 243 27.86 8.91 -6.23
N TYR A 244 27.03 9.89 -6.59
CA TYR A 244 25.61 9.79 -6.47
C TYR A 244 24.88 9.43 -7.79
N GLY A 245 25.65 9.01 -8.81
CA GLY A 245 25.02 8.45 -10.04
C GLY A 245 24.51 9.47 -11.05
N LYS A 246 24.22 8.95 -12.24
CA LYS A 246 23.83 9.69 -13.41
C LYS A 246 22.62 8.99 -14.00
N VAL A 247 21.56 9.74 -14.29
CA VAL A 247 20.33 9.27 -14.86
C VAL A 247 20.16 9.93 -16.25
N LEU A 248 19.73 9.14 -17.24
CA LEU A 248 19.18 9.68 -18.47
C LEU A 248 17.68 9.44 -18.48
N ILE A 249 16.92 10.47 -18.80
CA ILE A 249 15.52 10.37 -18.96
C ILE A 249 15.14 10.68 -20.41
N ILE A 250 14.50 9.72 -21.06
CA ILE A 250 14.08 9.82 -22.46
C ILE A 250 12.60 10.01 -22.41
N ALA A 251 12.14 11.20 -22.76
CA ALA A 251 10.79 11.61 -22.45
C ALA A 251 10.38 12.79 -23.29
N GLY A 252 9.06 12.99 -23.36
CA GLY A 252 8.45 14.17 -23.96
C GLY A 252 8.22 14.07 -25.43
N SER A 253 7.53 15.06 -25.92
CA SER A 253 7.07 15.15 -27.27
C SER A 253 6.55 16.57 -27.46
N ARG A 254 6.17 16.90 -28.68
CA ARG A 254 5.60 18.20 -28.96
C ARG A 254 4.22 18.39 -28.22
N LEU A 255 3.52 17.27 -27.97
CA LEU A 255 2.25 17.31 -27.25
C LEU A 255 2.47 17.41 -25.75
N TYR A 256 3.49 16.75 -25.22
CA TYR A 256 3.66 16.58 -23.76
C TYR A 256 5.02 17.10 -23.33
N SER A 257 5.16 18.42 -23.20
CA SER A 257 6.47 19.02 -22.92
C SER A 257 6.83 19.11 -21.46
N GLY A 258 5.85 18.93 -20.58
CA GLY A 258 6.09 19.06 -19.14
C GLY A 258 6.65 17.82 -18.46
N ALA A 259 6.28 16.64 -18.94
CA ALA A 259 6.67 15.40 -18.27
C ALA A 259 8.20 15.25 -17.94
N PRO A 260 9.11 15.57 -18.92
CA PRO A 260 10.56 15.43 -18.70
C PRO A 260 11.08 16.23 -17.49
N VAL A 261 10.51 17.40 -17.28
CA VAL A 261 10.95 18.33 -16.29
C VAL A 261 10.62 17.74 -14.88
N LEU A 262 9.42 17.22 -14.72
CA LEU A 262 8.96 16.65 -13.48
C LEU A 262 9.77 15.37 -13.17
N SER A 263 10.02 14.52 -14.17
CA SER A 263 10.85 13.32 -13.95
C SER A 263 12.28 13.69 -13.55
N GLY A 264 12.87 14.64 -14.29
CA GLY A 264 14.26 15.03 -14.07
C GLY A 264 14.47 15.61 -12.67
N MET A 265 13.58 16.51 -12.25
CA MET A 265 13.69 17.05 -10.90
C MET A 265 13.40 16.04 -9.83
N GLY A 266 12.54 15.07 -10.13
CA GLY A 266 12.27 14.00 -9.26
C GLY A 266 13.55 13.23 -8.93
N SER A 267 14.35 12.95 -9.94
CA SER A 267 15.68 12.37 -9.67
C SER A 267 16.58 13.30 -8.85
N LEU A 268 16.63 14.58 -9.20
CA LEU A 268 17.55 15.47 -8.48
C LEU A 268 17.17 15.65 -7.01
N LYS A 269 15.90 15.80 -6.72
CA LYS A 269 15.45 15.99 -5.32
C LYS A 269 15.72 14.81 -4.38
N VAL A 270 15.95 13.61 -4.90
CA VAL A 270 16.29 12.45 -4.02
C VAL A 270 17.80 12.25 -3.90
N GLY A 271 18.59 13.18 -4.43
CA GLY A 271 20.05 13.18 -4.17
C GLY A 271 20.90 12.66 -5.31
N THR A 272 20.31 12.47 -6.48
CA THR A 272 21.07 11.97 -7.64
C THR A 272 22.08 13.02 -8.10
N GLY A 273 23.22 12.58 -8.59
CA GLY A 273 24.30 13.50 -8.91
C GLY A 273 24.14 14.27 -10.22
N LEU A 274 23.79 13.56 -11.27
CA LEU A 274 23.62 14.18 -12.59
C LEU A 274 22.41 13.61 -13.30
N VAL A 275 21.60 14.51 -13.84
CA VAL A 275 20.42 14.16 -14.60
C VAL A 275 20.42 14.85 -15.97
N LYS A 276 20.27 14.02 -16.98
CA LYS A 276 20.22 14.41 -18.36
C LYS A 276 18.91 13.96 -18.98
N LEU A 277 18.20 14.89 -19.61
CA LEU A 277 16.99 14.63 -20.36
C LEU A 277 17.31 14.58 -21.86
N ALA A 278 16.66 13.65 -22.57
CA ALA A 278 16.60 13.62 -24.02
C ALA A 278 15.17 13.91 -24.41
N VAL A 279 14.95 15.07 -25.01
CA VAL A 279 13.63 15.57 -25.31
C VAL A 279 13.65 16.20 -26.71
N PRO A 280 12.58 16.00 -27.50
CA PRO A 280 12.48 16.61 -28.84
C PRO A 280 12.64 18.13 -28.81
N PHE A 281 13.45 18.68 -29.71
CA PHE A 281 13.62 20.13 -29.84
C PHE A 281 12.37 20.72 -30.45
N PRO A 282 11.94 21.93 -30.00
CA PRO A 282 12.44 22.84 -28.95
C PRO A 282 11.89 22.57 -27.55
N GLN A 283 11.20 21.45 -27.37
CA GLN A 283 10.52 21.19 -26.09
C GLN A 283 11.54 20.97 -24.99
N ASN A 284 12.77 20.59 -25.38
CA ASN A 284 13.85 20.43 -24.41
C ASN A 284 14.18 21.73 -23.66
N LEU A 285 13.94 22.87 -24.30
CA LEU A 285 14.29 24.15 -23.70
C LEU A 285 13.40 24.55 -22.52
N ILE A 286 12.24 23.91 -22.43
CA ILE A 286 11.30 24.09 -21.39
C ILE A 286 11.90 23.67 -20.07
N ALA A 287 12.69 22.58 -20.05
CA ALA A 287 13.20 22.06 -18.78
C ALA A 287 14.21 22.98 -18.12
N THR A 288 15.16 23.47 -18.89
CA THR A 288 16.16 24.36 -18.35
C THR A 288 15.68 25.79 -18.10
N SER A 289 14.61 26.24 -18.74
CA SER A 289 14.03 27.48 -18.35
C SER A 289 13.43 27.35 -16.94
N ARG A 290 12.93 26.22 -16.55
CA ARG A 290 12.31 26.06 -15.23
C ARG A 290 13.40 25.68 -14.18
N PHE A 291 14.26 24.75 -14.53
CA PHE A 291 15.30 24.27 -13.66
C PHE A 291 16.63 24.14 -14.42
N PRO A 292 17.46 25.17 -14.34
CA PRO A 292 18.69 25.24 -15.06
C PRO A 292 19.74 24.25 -14.62
N GLU A 293 19.52 23.54 -13.51
CA GLU A 293 20.41 22.48 -13.02
C GLU A 293 20.28 21.25 -13.89
N LEU A 294 19.19 21.15 -14.65
CA LEU A 294 19.00 20.00 -15.56
C LEU A 294 19.85 20.15 -16.84
N ILE A 295 20.26 19.03 -17.41
CA ILE A 295 20.82 19.04 -18.76
C ILE A 295 19.64 18.54 -19.57
N SER A 296 19.25 19.30 -20.57
CA SER A 296 18.16 18.88 -21.42
C SER A 296 18.63 18.89 -22.89
N VAL A 297 18.97 17.71 -23.37
CA VAL A 297 19.60 17.56 -24.66
C VAL A 297 18.52 17.67 -25.75
N PRO A 298 18.75 18.49 -26.77
CA PRO A 298 17.72 18.56 -27.82
C PRO A 298 17.78 17.35 -28.77
N ILE A 299 16.65 16.72 -29.06
CA ILE A 299 16.66 15.61 -30.00
C ILE A 299 15.91 16.09 -31.26
N ASP A 300 16.53 15.92 -32.44
CA ASP A 300 15.91 16.38 -33.67
C ASP A 300 15.03 15.29 -34.21
N THR A 301 13.76 15.60 -34.37
CA THR A 301 12.76 14.61 -34.73
C THR A 301 12.05 15.12 -35.97
N GLU A 302 11.43 14.22 -36.73
CA GLU A 302 10.69 14.66 -37.95
C GLU A 302 9.41 15.43 -37.62
N LYS A 303 8.61 14.91 -36.69
CA LYS A 303 7.25 15.41 -36.38
C LYS A 303 7.01 15.65 -34.89
N GLY A 304 8.04 15.69 -34.06
CA GLY A 304 7.88 16.01 -32.62
C GLY A 304 7.81 14.82 -31.69
N PHE A 305 8.10 13.64 -32.24
CA PHE A 305 8.07 12.40 -31.49
C PHE A 305 9.33 11.61 -31.75
N PHE A 306 9.80 10.91 -30.71
CA PHE A 306 10.91 9.99 -30.90
C PHE A 306 10.56 8.95 -31.96
N SER A 307 11.55 8.52 -32.75
CA SER A 307 11.40 7.40 -33.69
C SER A 307 12.75 6.68 -33.83
N LEU A 308 12.77 5.61 -34.63
CA LEU A 308 14.02 4.92 -34.96
C LEU A 308 15.19 5.84 -35.41
N GLN A 309 14.88 6.94 -36.09
CA GLN A 309 15.88 7.98 -36.43
C GLN A 309 16.71 8.40 -35.17
N ASN A 310 16.12 8.30 -33.98
CA ASN A 310 16.81 8.73 -32.77
C ASN A 310 17.44 7.61 -31.95
N LEU A 311 17.37 6.40 -32.44
CA LEU A 311 17.85 5.25 -31.68
C LEU A 311 19.34 5.35 -31.34
N GLN A 312 20.15 5.60 -32.35
CA GLN A 312 21.59 5.63 -32.16
C GLN A 312 21.99 6.77 -31.22
N GLU A 313 21.40 7.96 -31.38
CA GLU A 313 21.74 9.05 -30.46
C GLU A 313 21.41 8.70 -28.99
N CYS A 314 20.30 8.02 -28.77
CA CYS A 314 19.90 7.69 -27.40
C CYS A 314 20.77 6.61 -26.76
N LEU A 315 21.16 5.62 -27.55
CA LEU A 315 22.10 4.61 -27.06
C LEU A 315 23.44 5.25 -26.71
N GLU A 316 23.91 6.19 -27.51
CA GLU A 316 25.16 6.90 -27.18
C GLU A 316 25.08 7.65 -25.85
N LEU A 317 24.01 8.41 -25.68
CA LEU A 317 23.75 9.12 -24.46
C LEU A 317 23.71 8.14 -23.26
N SER A 318 23.18 6.94 -23.47
CA SER A 318 23.09 5.91 -22.44
C SER A 318 24.39 5.36 -21.90
N LYS A 319 25.42 5.38 -22.73
CA LYS A 319 26.68 4.76 -22.37
C LYS A 319 27.28 5.37 -21.10
N ASP A 320 27.10 6.66 -20.92
CA ASP A 320 27.73 7.36 -19.82
C ASP A 320 26.78 7.67 -18.66
N VAL A 321 25.69 6.89 -18.49
CA VAL A 321 24.83 7.01 -17.32
C VAL A 321 24.69 5.66 -16.63
N ASP A 322 24.15 5.67 -15.41
CA ASP A 322 23.94 4.45 -14.64
C ASP A 322 22.56 3.82 -14.84
N VAL A 323 21.56 4.65 -15.14
CA VAL A 323 20.20 4.18 -15.30
C VAL A 323 19.50 5.04 -16.36
N VAL A 324 18.54 4.43 -17.06
CA VAL A 324 17.72 5.14 -18.00
C VAL A 324 16.26 5.01 -17.59
N ALA A 325 15.55 6.14 -17.45
CA ALA A 325 14.09 6.17 -17.39
C ALA A 325 13.53 6.55 -18.78
N ILE A 326 12.47 5.87 -19.18
CA ILE A 326 11.85 6.11 -20.47
C ILE A 326 10.32 6.08 -20.38
N GLY A 327 9.64 6.99 -21.07
CA GLY A 327 8.20 6.89 -21.26
C GLY A 327 7.30 8.08 -21.01
N PRO A 328 7.58 8.86 -19.98
CA PRO A 328 6.68 9.97 -19.69
C PRO A 328 6.58 10.96 -20.86
N GLY A 329 5.35 11.20 -21.27
CA GLY A 329 5.07 12.09 -22.36
C GLY A 329 5.59 11.73 -23.74
N LEU A 330 5.93 10.47 -24.01
CA LEU A 330 6.50 10.15 -25.32
C LEU A 330 5.45 10.16 -26.43
N GLY A 331 4.18 9.92 -26.07
CA GLY A 331 3.15 9.69 -27.07
C GLY A 331 3.17 8.20 -27.39
N ASN A 332 2.15 7.79 -28.09
CA ASN A 332 1.97 6.40 -28.38
C ASN A 332 1.46 6.33 -29.83
N ASN A 333 2.39 6.12 -30.75
CA ASN A 333 2.15 5.93 -32.18
C ASN A 333 3.19 4.87 -32.59
N GLU A 334 3.08 4.40 -33.82
CA GLU A 334 3.93 3.30 -34.26
C GLU A 334 5.42 3.56 -34.26
N HIS A 335 5.81 4.78 -34.57
CA HIS A 335 7.22 5.12 -34.60
C HIS A 335 7.81 5.17 -33.16
N VAL A 336 7.02 5.66 -32.20
CA VAL A 336 7.41 5.60 -30.78
C VAL A 336 7.54 4.11 -30.35
N ARG A 337 6.55 3.28 -30.67
CA ARG A 337 6.62 1.84 -30.40
C ARG A 337 7.90 1.22 -30.95
N GLU A 338 8.25 1.51 -32.20
CA GLU A 338 9.45 0.92 -32.82
C GLU A 338 10.70 1.33 -32.04
N PHE A 339 10.84 2.61 -31.79
CA PHE A 339 11.95 3.13 -31.06
C PHE A 339 12.04 2.54 -29.66
N VAL A 340 10.95 2.55 -28.90
CA VAL A 340 11.04 2.12 -27.48
C VAL A 340 11.56 0.68 -27.38
N ASN A 341 11.00 -0.18 -28.21
CA ASN A 341 11.27 -1.60 -28.15
C ASN A 341 12.69 -1.92 -28.63
N GLU A 342 13.14 -1.33 -29.72
CA GLU A 342 14.53 -1.49 -30.15
C GLU A 342 15.53 -0.89 -29.15
N PHE A 343 15.21 0.26 -28.57
CA PHE A 343 16.07 0.82 -27.54
C PHE A 343 16.24 -0.11 -26.34
N LEU A 344 15.13 -0.52 -25.76
CA LEU A 344 15.19 -1.39 -24.59
C LEU A 344 15.84 -2.76 -24.87
N LYS A 345 15.60 -3.31 -26.04
CA LYS A 345 16.27 -4.54 -26.47
C LYS A 345 17.78 -4.38 -26.51
N THR A 346 18.28 -3.20 -26.88
CA THR A 346 19.72 -3.02 -27.00
C THR A 346 20.35 -2.42 -25.73
N LEU A 347 19.59 -1.68 -24.95
CA LEU A 347 20.15 -1.00 -23.79
C LEU A 347 20.66 -1.97 -22.72
N GLU A 348 21.94 -1.90 -22.38
CA GLU A 348 22.48 -2.72 -21.28
C GLU A 348 22.74 -1.90 -20.00
N LYS A 349 21.66 -1.29 -19.54
CA LYS A 349 21.62 -0.54 -18.31
C LYS A 349 20.25 -0.86 -17.71
N PRO A 350 20.12 -0.76 -16.38
CA PRO A 350 18.80 -0.76 -15.75
C PRO A 350 17.89 0.30 -16.38
N ALA A 351 16.63 -0.07 -16.57
CA ALA A 351 15.62 0.77 -17.19
C ALA A 351 14.42 0.92 -16.25
N VAL A 352 13.91 2.15 -16.14
CA VAL A 352 12.69 2.42 -15.44
C VAL A 352 11.73 2.76 -16.56
N ILE A 353 10.71 1.91 -16.72
CA ILE A 353 9.80 1.96 -17.88
C ILE A 353 8.43 2.39 -17.39
N ASP A 354 7.96 3.53 -17.92
CA ASP A 354 6.81 4.23 -17.44
C ASP A 354 5.90 4.68 -18.59
N ALA A 355 4.63 4.85 -18.26
CA ALA A 355 3.70 5.64 -19.06
C ALA A 355 3.62 5.14 -20.49
N ASP A 356 3.87 6.02 -21.45
CA ASP A 356 3.74 5.61 -22.86
C ASP A 356 4.72 4.54 -23.29
N ALA A 357 5.89 4.43 -22.65
CA ALA A 357 6.79 3.31 -22.93
C ALA A 357 6.15 2.00 -22.49
N ILE A 358 5.33 2.01 -21.47
CA ILE A 358 4.58 0.79 -21.10
C ILE A 358 3.52 0.49 -22.16
N ASN A 359 2.80 1.52 -22.59
CA ASN A 359 1.69 1.35 -23.53
C ASN A 359 2.14 0.74 -24.87
N VAL A 360 3.39 0.97 -25.25
CA VAL A 360 3.87 0.39 -26.47
C VAL A 360 4.78 -0.80 -26.27
N LEU A 361 5.01 -1.23 -25.04
CA LEU A 361 6.03 -2.19 -24.75
C LEU A 361 5.67 -3.54 -25.31
N ASP A 362 6.62 -4.20 -25.95
CA ASP A 362 6.49 -5.64 -26.30
C ASP A 362 7.14 -6.40 -25.15
N THR A 363 6.36 -7.17 -24.42
CA THR A 363 6.92 -7.80 -23.20
C THR A 363 7.95 -8.90 -23.49
N SER A 364 8.01 -9.40 -24.72
CA SER A 364 9.12 -10.29 -25.12
C SER A 364 10.44 -9.59 -24.91
N VAL A 365 10.46 -8.30 -25.21
CA VAL A 365 11.66 -7.53 -24.99
C VAL A 365 12.17 -7.63 -23.57
N LEU A 366 11.26 -7.52 -22.60
CA LEU A 366 11.67 -7.61 -21.17
C LEU A 366 12.29 -8.89 -20.78
N LYS A 367 11.75 -9.99 -21.30
CA LYS A 367 12.29 -11.31 -20.99
C LYS A 367 13.67 -11.47 -21.61
N GLU A 368 13.90 -10.85 -22.75
CA GLU A 368 15.17 -11.09 -23.40
C GLU A 368 16.28 -10.20 -22.82
N ARG A 369 15.93 -9.18 -22.02
CA ARG A 369 16.93 -8.22 -21.52
C ARG A 369 17.77 -8.88 -20.44
N LYS A 370 19.08 -8.63 -20.46
CA LYS A 370 19.96 -9.11 -19.37
C LYS A 370 19.97 -8.12 -18.23
N SER A 371 19.85 -6.82 -18.54
CA SER A 371 19.84 -5.78 -17.52
C SER A 371 18.47 -5.71 -16.84
N PRO A 372 18.43 -5.14 -15.63
CA PRO A 372 17.13 -5.11 -14.90
C PRO A 372 16.16 -4.01 -15.37
N ALA A 373 14.92 -4.10 -14.89
CA ALA A 373 13.91 -3.17 -15.27
C ALA A 373 12.95 -3.00 -14.11
N VAL A 374 12.45 -1.80 -13.95
CA VAL A 374 11.29 -1.55 -13.15
C VAL A 374 10.21 -1.01 -14.07
N LEU A 375 8.97 -1.54 -13.92
CA LEU A 375 7.80 -0.98 -14.58
C LEU A 375 6.87 -0.34 -13.60
N THR A 376 6.33 0.82 -13.98
CA THR A 376 5.55 1.63 -13.10
C THR A 376 4.19 1.98 -13.66
N PRO A 377 3.34 1.00 -13.98
CA PRO A 377 2.01 1.28 -14.49
C PRO A 377 0.98 1.68 -13.43
N HIS A 378 0.04 2.59 -13.79
CA HIS A 378 -1.23 2.64 -13.06
C HIS A 378 -2.13 1.48 -13.59
N PRO A 379 -3.26 1.22 -12.94
CA PRO A 379 -4.08 0.08 -13.37
C PRO A 379 -4.58 0.10 -14.82
N GLY A 380 -4.81 1.29 -15.35
CA GLY A 380 -5.14 1.44 -16.78
C GLY A 380 -4.05 0.88 -17.68
N GLU A 381 -2.83 1.26 -17.36
CA GLU A 381 -1.68 0.75 -18.13
C GLU A 381 -1.43 -0.75 -17.91
N MET A 382 -1.55 -1.20 -16.67
CA MET A 382 -1.40 -2.62 -16.37
C MET A 382 -2.47 -3.46 -17.12
N ALA A 383 -3.70 -2.98 -17.09
CA ALA A 383 -4.80 -3.61 -17.76
C ALA A 383 -4.49 -3.81 -19.27
N ARG A 384 -4.08 -2.73 -19.94
CA ARG A 384 -3.67 -2.78 -21.37
C ARG A 384 -2.47 -3.70 -21.53
N LEU A 385 -1.53 -3.69 -20.61
CA LEU A 385 -0.32 -4.48 -20.81
C LEU A 385 -0.61 -6.00 -20.77
N VAL A 386 -1.52 -6.45 -19.90
CA VAL A 386 -1.82 -7.89 -19.79
C VAL A 386 -3.16 -8.24 -20.49
N LYS A 387 -3.79 -7.25 -21.10
CA LYS A 387 -5.02 -7.52 -21.87
C LYS A 387 -6.15 -7.98 -20.94
N LYS A 388 -6.32 -7.27 -19.84
CA LYS A 388 -7.44 -7.52 -18.94
C LYS A 388 -8.15 -6.18 -18.64
N THR A 389 -9.20 -6.23 -17.83
CA THR A 389 -9.96 -5.05 -17.48
C THR A 389 -9.23 -4.45 -16.26
N VAL A 390 -9.46 -3.17 -16.04
CA VAL A 390 -8.96 -2.46 -14.87
C VAL A 390 -9.39 -3.17 -13.59
N GLY A 391 -10.67 -3.54 -13.48
CA GLY A 391 -11.19 -4.23 -12.30
C GLY A 391 -10.53 -5.59 -12.00
N ASP A 392 -10.09 -6.29 -13.02
CA ASP A 392 -9.35 -7.53 -12.82
C ASP A 392 -7.93 -7.29 -12.27
N VAL A 393 -7.29 -6.16 -12.60
CA VAL A 393 -5.91 -5.96 -12.26
C VAL A 393 -5.77 -5.10 -11.02
N LYS A 394 -6.79 -4.31 -10.74
CA LYS A 394 -6.64 -3.33 -9.67
C LYS A 394 -6.50 -4.03 -8.31
N TYR A 395 -5.46 -3.70 -7.57
CA TYR A 395 -5.19 -4.34 -6.26
C TYR A 395 -4.99 -5.87 -6.33
N ASN A 396 -4.74 -6.40 -7.54
CA ASN A 396 -4.51 -7.82 -7.72
C ASN A 396 -3.02 -8.10 -7.54
N TYR A 397 -2.62 -8.28 -6.29
CA TYR A 397 -1.21 -8.46 -5.99
C TYR A 397 -0.71 -9.78 -6.51
N GLU A 398 -1.56 -10.81 -6.59
CA GLU A 398 -1.06 -12.09 -7.10
C GLU A 398 -0.72 -12.00 -8.59
N LEU A 399 -1.54 -11.27 -9.35
CA LEU A 399 -1.22 -11.04 -10.76
C LEU A 399 0.05 -10.25 -10.89
N ALA A 400 0.23 -9.23 -10.05
CA ALA A 400 1.43 -8.42 -10.15
C ALA A 400 2.68 -9.28 -9.89
N GLU A 401 2.61 -10.15 -8.87
CA GLU A 401 3.69 -11.08 -8.56
C GLU A 401 4.02 -12.00 -9.72
N GLU A 402 3.00 -12.63 -10.32
CA GLU A 402 3.22 -13.51 -11.49
C GLU A 402 3.86 -12.76 -12.64
N PHE A 403 3.32 -11.58 -12.97
CA PHE A 403 3.93 -10.75 -13.99
C PHE A 403 5.44 -10.48 -13.72
N ALA A 404 5.79 -10.11 -12.48
CA ALA A 404 7.17 -9.67 -12.18
C ALA A 404 8.11 -10.86 -12.30
N LYS A 405 7.65 -12.00 -11.79
CA LYS A 405 8.37 -13.26 -11.84
C LYS A 405 8.53 -13.73 -13.31
N GLU A 406 7.47 -13.74 -14.10
CA GLU A 406 7.57 -14.18 -15.50
C GLU A 406 8.44 -13.29 -16.40
N ASN A 407 8.47 -11.99 -16.10
CA ASN A 407 9.20 -11.07 -16.96
C ASN A 407 10.50 -10.58 -16.34
N ASP A 408 10.89 -11.18 -15.23
CA ASP A 408 12.15 -10.82 -14.56
C ASP A 408 12.30 -9.35 -14.22
N CYS A 409 11.26 -8.74 -13.70
CA CYS A 409 11.32 -7.32 -13.37
C CYS A 409 10.76 -7.00 -11.99
N VAL A 410 10.79 -5.72 -11.64
CA VAL A 410 10.06 -5.17 -10.52
C VAL A 410 8.87 -4.47 -11.10
N LEU A 411 7.72 -4.74 -10.50
CA LEU A 411 6.48 -4.09 -10.90
C LEU A 411 6.00 -3.23 -9.77
N VAL A 412 5.75 -1.99 -10.10
CA VAL A 412 5.24 -1.03 -9.13
C VAL A 412 3.85 -0.67 -9.71
N LEU A 413 2.82 -1.24 -9.11
CA LEU A 413 1.44 -1.05 -9.55
C LEU A 413 0.85 0.07 -8.70
N LYS A 414 0.73 1.27 -9.29
CA LYS A 414 0.31 2.51 -8.62
C LYS A 414 -1.20 2.53 -8.28
N SER A 415 -1.56 2.96 -7.07
CA SER A 415 -2.92 3.23 -6.65
C SER A 415 -2.79 3.78 -5.23
N ALA A 416 -3.91 4.11 -4.60
CA ALA A 416 -3.89 4.73 -3.28
C ALA A 416 -3.07 3.85 -2.36
N THR A 417 -3.22 2.53 -2.48
CA THR A 417 -2.23 1.60 -1.95
C THR A 417 -1.44 1.11 -3.15
N THR A 418 -0.14 1.33 -3.13
CA THR A 418 0.73 0.88 -4.20
C THR A 418 1.36 -0.44 -3.82
N ILE A 419 1.46 -1.32 -4.81
CA ILE A 419 2.06 -2.65 -4.66
C ILE A 419 3.43 -2.64 -5.33
N VAL A 420 4.45 -3.14 -4.66
CA VAL A 420 5.81 -3.19 -5.23
C VAL A 420 6.24 -4.62 -5.10
N THR A 421 6.59 -5.28 -6.19
CA THR A 421 6.93 -6.72 -6.08
C THR A 421 7.96 -7.09 -7.09
N ASP A 422 8.84 -8.01 -6.76
CA ASP A 422 9.75 -8.62 -7.73
C ASP A 422 9.35 -10.08 -8.03
N GLY A 423 8.16 -10.47 -7.53
CA GLY A 423 7.68 -11.84 -7.68
C GLY A 423 8.02 -12.75 -6.49
N GLU A 424 8.94 -12.34 -5.63
CA GLU A 424 9.27 -13.13 -4.45
C GLU A 424 8.79 -12.38 -3.23
N LYS A 425 9.11 -11.10 -3.21
CA LYS A 425 8.80 -10.23 -2.12
C LYS A 425 7.79 -9.17 -2.65
N THR A 426 6.78 -8.86 -1.84
CA THR A 426 5.78 -7.87 -2.16
C THR A 426 5.60 -6.92 -0.98
N LEU A 427 5.63 -5.64 -1.27
CA LEU A 427 5.49 -4.56 -0.27
C LEU A 427 4.27 -3.69 -0.64
N PHE A 428 3.63 -3.14 0.37
CA PHE A 428 2.43 -2.33 0.18
C PHE A 428 2.75 -0.97 0.72
N ASN A 429 2.45 0.05 -0.06
CA ASN A 429 2.66 1.43 0.41
C ASN A 429 1.35 2.08 0.78
N ILE A 430 1.30 2.70 1.96
CA ILE A 430 0.11 3.37 2.40
C ILE A 430 0.32 4.89 2.72
N THR A 431 1.42 5.48 2.31
CA THR A 431 1.58 6.92 2.46
C THR A 431 0.92 7.58 1.29
N GLY A 432 0.69 8.87 1.36
CA GLY A 432 0.08 9.60 0.22
C GLY A 432 -1.34 10.06 0.53
N ASN A 433 -1.89 10.91 -0.34
CA ASN A 433 -3.29 11.33 -0.21
C ASN A 433 -3.80 11.69 -1.60
N THR A 434 -5.04 12.24 -1.68
CA THR A 434 -5.63 12.50 -2.97
C THR A 434 -4.99 13.69 -3.72
N GLY A 435 -4.07 14.39 -3.10
CA GLY A 435 -3.39 15.42 -3.84
C GLY A 435 -2.54 14.84 -4.95
N LEU A 436 -2.16 13.57 -4.82
CA LEU A 436 -1.40 12.88 -5.86
C LEU A 436 -2.31 12.48 -7.03
N SER A 437 -3.64 12.60 -6.85
CA SER A 437 -4.61 12.24 -7.90
C SER A 437 -4.73 13.35 -8.93
N LYS A 438 -3.61 13.70 -9.55
CA LYS A 438 -3.58 14.86 -10.45
C LYS A 438 -2.34 14.66 -11.36
N GLY A 439 -2.48 15.00 -12.63
CA GLY A 439 -1.42 14.88 -13.63
C GLY A 439 -0.05 15.34 -13.16
N GLY A 440 0.94 14.48 -13.34
CA GLY A 440 2.35 14.85 -13.07
C GLY A 440 2.98 14.08 -11.93
N SER A 441 2.14 13.58 -11.03
CA SER A 441 2.63 12.98 -9.82
C SER A 441 3.38 11.67 -10.13
N GLY A 442 2.89 10.96 -11.15
CA GLY A 442 3.54 9.78 -11.65
C GLY A 442 4.89 10.06 -12.28
N ASP A 443 4.98 11.17 -13.01
CA ASP A 443 6.19 11.54 -13.64
C ASP A 443 7.30 11.77 -12.57
N VAL A 444 6.93 12.41 -11.45
CA VAL A 444 7.87 12.62 -10.35
C VAL A 444 8.37 11.30 -9.80
N LEU A 445 7.47 10.36 -9.54
CA LEU A 445 7.87 9.05 -8.99
C LEU A 445 8.89 8.34 -9.90
N THR A 446 8.66 8.41 -11.21
CA THR A 446 9.64 7.81 -12.17
C THR A 446 11.06 8.28 -12.01
N GLY A 447 11.24 9.60 -11.95
CA GLY A 447 12.50 10.17 -11.62
C GLY A 447 13.05 9.75 -10.27
N MET A 448 12.20 9.66 -9.25
CA MET A 448 12.68 9.24 -7.93
C MET A 448 13.30 7.82 -7.96
N ILE A 449 12.58 6.91 -8.55
CA ILE A 449 13.04 5.53 -8.68
C ILE A 449 14.37 5.44 -9.43
N ALA A 450 14.47 6.15 -10.58
CA ALA A 450 15.69 6.10 -11.41
C ALA A 450 16.84 6.64 -10.58
N GLY A 451 16.57 7.72 -9.84
CA GLY A 451 17.56 8.37 -9.00
C GLY A 451 18.14 7.45 -7.91
N PHE A 452 17.27 6.73 -7.24
CA PHE A 452 17.73 5.87 -6.21
C PHE A 452 18.46 4.69 -6.81
N ILE A 453 18.02 4.20 -7.99
CA ILE A 453 18.83 3.17 -8.63
C ILE A 453 20.27 3.68 -8.94
N ALA A 454 20.37 4.89 -9.45
CA ALA A 454 21.64 5.47 -9.78
C ALA A 454 22.55 5.61 -8.54
N GLN A 455 21.95 5.84 -7.37
CA GLN A 455 22.70 5.97 -6.13
C GLN A 455 23.11 4.63 -5.57
N GLY A 456 22.70 3.53 -6.18
CA GLY A 456 23.20 2.22 -5.76
C GLY A 456 22.14 1.34 -5.13
N LEU A 457 20.88 1.75 -5.07
CA LEU A 457 19.90 0.85 -4.47
C LEU A 457 19.46 -0.16 -5.59
N SER A 458 19.12 -1.38 -5.17
CA SER A 458 18.50 -2.33 -6.08
C SER A 458 17.22 -1.76 -6.66
N PRO A 459 16.83 -2.20 -7.86
CA PRO A 459 15.48 -1.85 -8.38
C PRO A 459 14.33 -2.02 -7.34
N LEU A 460 14.32 -3.11 -6.59
CA LEU A 460 13.25 -3.29 -5.61
C LEU A 460 13.38 -2.24 -4.47
N GLU A 461 14.59 -2.10 -3.95
CA GLU A 461 14.83 -1.14 -2.87
C GLU A 461 14.50 0.27 -3.33
N ALA A 462 14.90 0.61 -4.54
CA ALA A 462 14.70 1.95 -5.08
C ALA A 462 13.21 2.26 -5.19
N SER A 463 12.44 1.26 -5.61
CA SER A 463 10.98 1.39 -5.71
C SER A 463 10.31 1.50 -4.34
N THR A 464 10.78 0.74 -3.37
CA THR A 464 10.26 0.76 -2.01
C THR A 464 10.44 2.13 -1.35
N VAL A 465 11.66 2.66 -1.42
CA VAL A 465 11.95 3.96 -0.80
C VAL A 465 11.13 5.06 -1.53
N SER A 466 11.07 4.99 -2.85
CA SER A 466 10.49 6.06 -3.66
C SER A 466 8.98 6.18 -3.44
N VAL A 467 8.27 5.05 -3.45
CA VAL A 467 6.81 5.12 -3.29
C VAL A 467 6.45 5.66 -1.92
N TYR A 468 7.23 5.28 -0.92
CA TYR A 468 6.95 5.74 0.43
C TYR A 468 7.20 7.26 0.54
N LEU A 469 8.37 7.71 0.12
CA LEU A 469 8.77 9.14 0.23
C LEU A 469 7.88 10.02 -0.60
N HIS A 470 7.46 9.53 -1.74
CA HIS A 470 6.59 10.31 -2.70
C HIS A 470 5.23 10.54 -2.06
N GLY A 471 4.68 9.50 -1.43
CA GLY A 471 3.40 9.67 -0.69
C GLY A 471 3.59 10.54 0.54
N PHE A 472 4.71 10.37 1.24
CA PHE A 472 4.91 11.12 2.49
C PHE A 472 5.11 12.64 2.20
N ALA A 473 5.83 12.95 1.13
CA ALA A 473 5.98 14.36 0.72
C ALA A 473 4.61 15.04 0.47
N ALA A 474 3.71 14.31 -0.17
CA ALA A 474 2.36 14.80 -0.39
C ALA A 474 1.64 15.13 0.94
N GLU A 475 1.84 14.30 1.97
CA GLU A 475 1.22 14.52 3.25
C GLU A 475 1.77 15.75 3.96
N LEU A 476 2.94 16.21 3.55
CA LEU A 476 3.54 17.35 4.20
C LEU A 476 3.04 18.68 3.60
N PHE A 477 2.23 18.61 2.56
CA PHE A 477 1.71 19.79 1.96
C PHE A 477 0.93 20.54 3.01
N GLU A 478 1.19 21.82 3.11
CA GLU A 478 0.64 22.64 4.16
C GLU A 478 -0.82 23.10 3.98
N GLN A 479 -1.35 23.10 2.77
CA GLN A 479 -2.70 23.54 2.58
C GLN A 479 -3.64 22.37 2.21
N ASP A 480 -4.82 22.61 1.67
CA ASP A 480 -5.69 21.48 1.38
C ASP A 480 -5.10 20.62 0.27
N GLU A 481 -5.14 19.32 0.49
CA GLU A 481 -4.45 18.35 -0.38
C GLU A 481 -4.91 18.44 -1.80
N ARG A 482 -6.14 18.86 -2.03
CA ARG A 482 -6.60 18.87 -3.40
C ARG A 482 -5.92 19.91 -4.29
N GLY A 483 -5.30 20.91 -3.68
CA GLY A 483 -4.57 21.93 -4.37
C GLY A 483 -3.12 21.56 -4.59
N LEU A 484 -2.67 20.39 -4.15
CA LEU A 484 -1.28 19.98 -4.38
C LEU A 484 -1.05 19.79 -5.84
N THR A 485 0.08 20.29 -6.34
CA THR A 485 0.53 20.04 -7.71
C THR A 485 1.91 19.41 -7.65
N ALA A 486 2.32 18.78 -8.75
CA ALA A 486 3.62 18.09 -8.87
C ALA A 486 4.84 18.98 -8.53
N SER A 487 4.76 20.22 -8.95
CA SER A 487 5.82 21.19 -8.66
C SER A 487 5.97 21.44 -7.13
N GLU A 488 4.85 21.52 -6.41
CA GLU A 488 4.92 21.65 -4.98
C GLU A 488 5.44 20.32 -4.38
N LEU A 489 5.00 19.21 -4.95
CA LEU A 489 5.42 17.90 -4.43
C LEU A 489 6.95 17.80 -4.45
N LEU A 490 7.54 18.19 -5.58
CA LEU A 490 8.98 18.24 -5.71
C LEU A 490 9.68 19.01 -4.58
N ARG A 491 9.14 20.19 -4.24
CA ARG A 491 9.70 21.08 -3.21
C ARG A 491 9.66 20.39 -1.84
N LEU A 492 8.67 19.53 -1.63
CA LEU A 492 8.45 18.83 -0.40
C LEU A 492 9.29 17.55 -0.18
N ILE A 493 9.82 17.00 -1.24
CA ILE A 493 10.66 15.78 -1.15
C ILE A 493 11.84 15.91 -0.13
N PRO A 494 12.65 17.00 -0.18
CA PRO A 494 13.75 17.05 0.75
C PRO A 494 13.32 17.17 2.23
N GLU A 495 12.10 17.70 2.47
CA GLU A 495 11.56 17.72 3.78
C GLU A 495 11.12 16.31 4.21
N ALA A 496 10.51 15.56 3.30
CA ALA A 496 10.14 14.17 3.61
C ALA A 496 11.42 13.39 4.03
N ILE A 497 12.49 13.54 3.25
CA ILE A 497 13.77 12.92 3.53
C ILE A 497 14.26 13.30 4.93
N ARG A 498 14.27 14.57 5.28
CA ARG A 498 14.72 14.99 6.60
C ARG A 498 13.88 14.37 7.69
N ARG A 499 12.55 14.32 7.48
CA ARG A 499 11.67 13.84 8.52
C ARG A 499 11.82 12.34 8.72
N LEU A 500 12.23 11.63 7.69
CA LEU A 500 12.52 10.23 7.75
C LEU A 500 13.77 9.91 8.60
N LYS A 501 14.61 10.92 8.89
CA LYS A 501 15.88 10.78 9.62
C LYS A 501 15.92 11.53 10.95
N ALA B 1 5.66 0.15 22.92
CA ALA B 1 5.81 -0.75 21.73
C ALA B 1 5.54 -2.26 21.97
N TRP B 2 5.60 -2.76 23.20
CA TRP B 2 5.49 -4.24 23.40
C TRP B 2 4.13 -4.80 22.97
N LEU B 3 3.02 -4.14 23.30
CA LEU B 3 1.70 -4.69 22.96
C LEU B 3 1.20 -4.34 21.55
N PHE B 4 1.35 -3.08 21.14
CA PHE B 4 0.80 -2.58 19.88
C PHE B 4 1.86 -2.03 18.94
N GLU B 5 1.79 -2.39 17.66
CA GLU B 5 2.34 -1.60 16.51
C GLU B 5 1.22 -0.68 15.92
N ALA B 6 1.57 0.59 15.68
CA ALA B 6 0.62 1.67 15.26
C ALA B 6 0.00 1.41 13.91
K K C . -15.04 -8.57 13.24
MG MG D . 1.83 8.05 -15.51
N1 APR E . -22.68 -15.58 6.46
C2 APR E . -23.01 -16.09 7.65
N3 APR E . -22.13 -16.70 8.44
C4 APR E . -20.86 -16.87 8.09
C5 APR E . -20.41 -16.30 6.83
C6 APR E . -21.42 -15.66 6.00
N6 APR E . -21.03 -15.16 4.80
N7 APR E . -19.09 -16.56 6.69
C8 APR E . -18.70 -17.22 7.81
N9 APR E . -19.77 -17.40 8.63
C1' APR E . -19.71 -18.01 9.99
C2' APR E . -19.12 -19.38 10.11
O2' APR E . -20.17 -20.29 9.92
C3' APR E . -18.60 -19.34 11.56
O3' APR E . -19.65 -19.40 12.56
O4' APR E . -18.82 -17.18 10.73
C4' APR E . -18.02 -17.96 11.64
C5' APR E . -16.54 -17.98 11.31
O5' APR E . -16.07 -16.65 11.47
PA APR E . -14.70 -16.46 12.21
O1A APR E . -15.21 -16.24 13.65
O2A APR E . -14.05 -15.34 11.42
O3A APR E . -13.90 -17.77 11.86
PB APR E . -12.93 -18.64 12.75
O1B APR E . -13.81 -19.30 13.81
O2B APR E . -11.85 -19.15 11.92
O5D APR E . -12.09 -17.53 13.62
C5D APR E . -10.99 -16.76 13.12
O4D APR E . -10.54 -15.94 15.41
O1D APR E . -8.20 -16.04 15.59
C1D APR E . -9.35 -15.27 15.84
O2D APR E . -10.41 -13.19 15.54
C2D APR E . -9.37 -14.00 15.00
O3D APR E . -10.51 -13.43 12.95
C3D APR E . -9.86 -14.49 13.65
C4D APR E . -10.90 -15.54 14.06
N1 APR F . -3.63 8.25 -2.69
C2 APR F . -2.32 7.97 -2.73
N3 APR F . -1.58 7.99 -3.85
C4 APR F . -2.16 8.36 -5.02
C5 APR F . -3.60 8.70 -5.04
C6 APR F . -4.32 8.62 -3.77
N6 APR F . -5.64 8.92 -3.75
N7 APR F . -3.95 9.01 -6.30
C8 APR F . -2.82 8.86 -7.03
N9 APR F . -1.76 8.47 -6.27
C1' APR F . -0.38 8.26 -6.74
C2' APR F . -0.18 6.93 -7.49
O2' APR F . 0.08 5.78 -6.67
C3' APR F . 0.99 7.28 -8.35
O3' APR F . 2.12 7.17 -7.52
O4' APR F . -0.02 9.30 -7.67
C4' APR F . 0.72 8.75 -8.76
C5' APR F . -0.08 8.81 -10.06
O5' APR F . 0.73 8.26 -11.10
PA APR F . 0.19 8.06 -12.61
O1A APR F . 1.29 7.59 -13.52
O2A APR F . -1.08 7.34 -12.40
O3A APR F . -0.49 9.43 -13.01
PB APR F . 0.08 10.75 -13.73
O1B APR F . 1.16 11.49 -13.09
O2B APR F . -1.23 11.42 -13.96
O5D APR F . 0.57 10.17 -15.16
C5D APR F . 0.91 11.13 -16.17
O4D APR F . 1.63 9.35 -17.68
O1D APR F . 0.31 7.45 -17.26
C1D APR F . 0.79 8.34 -18.25
O2D APR F . -0.06 9.62 -20.12
C2D APR F . -0.42 9.03 -18.85
O3D APR F . -1.44 11.19 -18.24
C3D APR F . -0.63 10.10 -17.82
C4D APR F . 0.81 10.54 -17.54
N1 APR G . -7.62 2.99 -10.23
C2 APR G . -8.43 2.62 -11.24
N3 APR G . -8.19 3.03 -12.50
C4 APR G . -7.17 3.84 -12.81
C5 APR G . -6.25 4.31 -11.77
C6 APR G . -6.55 3.82 -10.41
N6 APR G . -5.78 4.19 -9.37
N7 APR G . -5.37 5.10 -12.38
C8 APR G . -5.65 5.11 -13.72
N9 APR G . -6.76 4.38 -13.94
C1' APR G . -7.45 4.01 -15.18
C2' APR G . -8.76 4.74 -15.36
O2' APR G . -9.58 3.77 -15.99
C3' APR G . -8.33 5.81 -16.34
O3' APR G . -9.49 6.38 -16.88
O4' APR G . -6.66 4.26 -16.33
C4' APR G . -7.47 4.96 -17.28
C5' APR G . -6.67 5.60 -18.40
O5' APR G . -5.69 6.53 -17.98
PA APR G . -4.46 7.01 -18.95
O1A APR G . -4.11 5.86 -19.84
O2A APR G . -3.37 7.66 -18.10
O3A APR G . -5.16 8.20 -19.81
PB APR G . -5.34 9.78 -19.42
O1B APR G . -6.80 9.96 -18.98
O2B APR G . -4.24 10.35 -18.52
O5D APR G . -5.14 10.47 -20.90
C5D APR G . -3.95 11.11 -21.37
O4D APR G . -3.42 13.05 -22.83
O1D APR G . -3.71 14.12 -25.04
C1D APR G . -4.11 13.99 -23.66
O2D APR G . -6.30 14.69 -23.37
C2D APR G . -5.54 13.55 -23.68
O3D APR G . -6.79 12.87 -21.77
C3D APR G . -5.69 12.50 -22.61
C4D APR G . -4.35 12.50 -21.88
C1 GOL H . 1.32 14.70 -17.47
O1 GOL H . 2.50 14.02 -17.18
C2 GOL H . 1.17 15.73 -16.40
O2 GOL H . -0.16 16.24 -16.40
C3 GOL H . 2.25 16.80 -16.50
O3 GOL H . 3.14 16.63 -17.56
#